data_3PCU
#
_entry.id   3PCU
#
_cell.length_a   65.370
_cell.length_b   65.370
_cell.length_c   110.810
_cell.angle_alpha   90.00
_cell.angle_beta   90.00
_cell.angle_gamma   90.00
#
_symmetry.space_group_name_H-M   'P 43 21 2'
#
loop_
_entity.id
_entity.type
_entity.pdbx_description
1 polymer 'Retinoic acid receptor RXR-alpha'
2 polymer 'Nuclear receptor coactivator 2'
3 non-polymer '2-[(2S)-6-(2-methylbut-3-en-2-yl)-7-oxo-2,3-dihydro-7H-furo[3,2-g]chromen-2-yl]propan-2-yl acetate'
4 water water
#
loop_
_entity_poly.entity_id
_entity_poly.type
_entity_poly.pdbx_seq_one_letter_code
_entity_poly.pdbx_strand_id
1 'polypeptide(L)'
;DMPVERILEAELAVEPKTETYVEANMGLNPSSPNDPVTNICQAADKQLFTLVEWAKRIPHFSELPLDDQVILLRAGWNEL
LIASFSHRSIAVKDGILLATGLHVHRNSAHSAGVGAIFDRVLTELVSKMRDMQMDKTELGCLRAIVLFNPDSKGLSNPAE
VEALREKVYASLEAYCKHKYPEQPGRFAKLLLRLPALRSIGLKCLEHLFFFKLIGDTPIDTFLMEMLEAP
;
A
2 'polypeptide(L)' HKILHRLLQD B
#
loop_
_chem_comp.id
_chem_comp.type
_chem_comp.name
_chem_comp.formula
LX8 non-polymer '2-[(2S)-6-(2-methylbut-3-en-2-yl)-7-oxo-2,3-dihydro-7H-furo[3,2-g]chromen-2-yl]propan-2-yl acetate' 'C21 H24 O5'
#
# COMPACT_ATOMS: atom_id res chain seq x y z
N ASP A 1 11.37 -17.83 -8.47
CA ASP A 1 11.19 -18.01 -7.00
C ASP A 1 10.82 -16.70 -6.31
N MET A 2 10.09 -16.81 -5.20
CA MET A 2 9.61 -15.65 -4.46
C MET A 2 9.75 -15.88 -2.95
N PRO A 3 10.96 -15.69 -2.39
CA PRO A 3 11.16 -15.95 -0.97
C PRO A 3 10.55 -14.87 -0.07
N VAL A 4 9.78 -15.30 0.92
CA VAL A 4 9.16 -14.38 1.88
C VAL A 4 10.20 -13.60 2.69
N GLU A 5 11.39 -14.19 2.79
CA GLU A 5 12.54 -13.55 3.45
C GLU A 5 12.90 -12.23 2.77
N ARG A 6 12.97 -12.24 1.44
CA ARG A 6 13.27 -11.06 0.65
C ARG A 6 12.15 -10.01 0.74
N ILE A 7 10.92 -10.49 0.88
CA ILE A 7 9.76 -9.61 0.99
C ILE A 7 9.72 -8.91 2.35
N LEU A 8 10.01 -9.66 3.42
CA LEU A 8 10.18 -9.08 4.75
C LEU A 8 11.33 -8.08 4.80
N GLU A 9 12.45 -8.43 4.15
CA GLU A 9 13.61 -7.55 4.06
C GLU A 9 13.25 -6.20 3.48
N ALA A 10 12.44 -6.22 2.41
CA ALA A 10 11.94 -5.02 1.76
C ALA A 10 11.12 -4.17 2.72
N GLU A 11 10.25 -4.81 3.50
CA GLU A 11 9.46 -4.14 4.52
C GLU A 11 10.35 -3.49 5.59
N LEU A 12 11.33 -4.25 6.08
CA LEU A 12 12.21 -3.77 7.14
C LEU A 12 13.16 -2.68 6.65
N ALA A 13 13.50 -2.73 5.37
CA ALA A 13 14.42 -1.77 4.76
C ALA A 13 13.80 -0.36 4.67
N VAL A 14 12.49 -0.30 4.55
CA VAL A 14 11.79 0.97 4.34
C VAL A 14 11.08 1.54 5.59
N GLU A 15 11.16 0.82 6.71
CA GLU A 15 10.58 1.27 7.97
C GLU A 15 11.21 2.54 8.53
N ASP A 35 -4.34 21.25 9.62
CA ASP A 35 -5.20 20.34 8.88
C ASP A 35 -4.52 18.98 8.78
N PRO A 36 -5.07 17.95 9.46
CA PRO A 36 -4.49 16.62 9.34
C PRO A 36 -4.46 16.09 7.91
N VAL A 37 -5.35 16.57 7.05
CA VAL A 37 -5.33 16.21 5.63
C VAL A 37 -4.01 16.63 4.97
N THR A 38 -3.55 17.84 5.30
CA THR A 38 -2.27 18.34 4.81
C THR A 38 -1.12 17.43 5.26
N ASN A 39 -1.07 17.14 6.55
CA ASN A 39 -0.04 16.26 7.12
C ASN A 39 -0.07 14.88 6.46
N ILE A 40 -1.28 14.39 6.21
CA ILE A 40 -1.48 13.12 5.53
C ILE A 40 -0.95 13.16 4.09
N CYS A 41 -1.28 14.24 3.37
CA CYS A 41 -0.81 14.43 2.00
C CYS A 41 0.70 14.61 1.93
N GLN A 42 1.27 15.31 2.92
CA GLN A 42 2.72 15.47 3.00
C GLN A 42 3.39 14.11 3.25
N ALA A 43 2.81 13.33 4.15
CA ALA A 43 3.27 11.99 4.45
C ALA A 43 3.19 11.08 3.21
N ALA A 44 2.09 11.19 2.48
CA ALA A 44 1.88 10.43 1.24
C ALA A 44 3.00 10.68 0.23
N ASP A 45 3.29 11.96 -0.03
CA ASP A 45 4.34 12.34 -0.98
C ASP A 45 5.69 11.74 -0.58
N LYS A 46 6.05 11.95 0.69
CA LYS A 46 7.26 11.39 1.29
C LYS A 46 7.37 9.89 1.04
N GLN A 47 6.28 9.18 1.33
CA GLN A 47 6.25 7.73 1.26
C GLN A 47 6.26 7.18 -0.16
N LEU A 48 5.85 8.00 -1.12
CA LEU A 48 5.90 7.60 -2.53
C LEU A 48 7.35 7.35 -2.98
N PHE A 49 8.28 8.15 -2.47
CA PHE A 49 9.70 7.96 -2.77
C PHE A 49 10.17 6.64 -2.17
N THR A 50 9.76 6.41 -0.92
CA THR A 50 10.09 5.19 -0.19
C THR A 50 9.46 3.96 -0.84
N LEU A 51 8.26 4.14 -1.40
CA LEU A 51 7.55 3.06 -2.09
C LEU A 51 8.32 2.51 -3.29
N VAL A 52 8.92 3.41 -4.06
CA VAL A 52 9.72 3.03 -5.22
C VAL A 52 10.89 2.14 -4.78
N GLU A 53 11.57 2.55 -3.71
CA GLU A 53 12.68 1.77 -3.15
C GLU A 53 12.23 0.42 -2.61
N TRP A 54 11.04 0.41 -1.98
CA TRP A 54 10.44 -0.84 -1.52
C TRP A 54 10.21 -1.81 -2.67
N ALA A 55 9.61 -1.29 -3.74
CA ALA A 55 9.24 -2.11 -4.91
C ALA A 55 10.48 -2.69 -5.60
N LYS A 56 11.53 -1.89 -5.71
CA LYS A 56 12.82 -2.35 -6.25
C LYS A 56 13.42 -3.52 -5.46
N ARG A 57 13.05 -3.63 -4.19
CA ARG A 57 13.53 -4.72 -3.32
C ARG A 57 12.63 -5.96 -3.37
N ILE A 58 11.47 -5.83 -4.02
CA ILE A 58 10.58 -6.97 -4.23
C ILE A 58 11.13 -7.80 -5.40
N PRO A 59 11.43 -9.08 -5.14
CA PRO A 59 12.06 -9.93 -6.16
C PRO A 59 11.34 -9.86 -7.50
N HIS A 60 12.13 -9.65 -8.55
CA HIS A 60 11.68 -9.67 -9.96
C HIS A 60 10.98 -8.40 -10.45
N PHE A 61 10.64 -7.50 -9.53
CA PHE A 61 9.97 -6.25 -9.93
C PHE A 61 10.87 -5.41 -10.86
N SER A 62 12.14 -5.28 -10.49
CA SER A 62 13.11 -4.46 -11.22
C SER A 62 13.41 -5.00 -12.62
N GLU A 63 13.12 -6.28 -12.83
CA GLU A 63 13.38 -6.94 -14.11
C GLU A 63 12.21 -6.86 -15.08
N LEU A 64 11.08 -6.32 -14.62
CA LEU A 64 9.97 -6.00 -15.50
C LEU A 64 10.36 -4.81 -16.38
N PRO A 65 9.75 -4.70 -17.59
CA PRO A 65 9.97 -3.48 -18.37
C PRO A 65 9.70 -2.23 -17.52
N LEU A 66 10.47 -1.18 -17.75
CA LEU A 66 10.34 0.07 -17.00
C LEU A 66 8.92 0.63 -17.06
N ASP A 67 8.30 0.55 -18.23
CA ASP A 67 6.93 1.04 -18.42
C ASP A 67 5.91 0.25 -17.59
N ASP A 68 6.20 -1.03 -17.37
CA ASP A 68 5.32 -1.87 -16.56
C ASP A 68 5.53 -1.62 -15.07
N GLN A 69 6.77 -1.36 -14.67
CA GLN A 69 7.07 -0.91 -13.31
C GLN A 69 6.28 0.37 -12.99
N VAL A 70 6.28 1.31 -13.93
CA VAL A 70 5.52 2.55 -13.82
C VAL A 70 4.02 2.27 -13.68
N ILE A 71 3.46 1.49 -14.59
CA ILE A 71 2.05 1.11 -14.54
C ILE A 71 1.66 0.48 -13.19
N LEU A 72 2.46 -0.49 -12.73
CA LEU A 72 2.19 -1.17 -11.48
C LEU A 72 2.19 -0.25 -10.26
N LEU A 73 3.17 0.64 -10.17
CA LEU A 73 3.23 1.58 -9.05
C LEU A 73 2.17 2.67 -9.12
N ARG A 74 1.84 3.12 -10.33
CA ARG A 74 0.76 4.10 -10.51
C ARG A 74 -0.61 3.52 -10.19
N ALA A 75 -0.80 2.25 -10.54
CA ALA A 75 -2.05 1.54 -10.23
C ALA A 75 -2.16 1.20 -8.74
N GLY A 76 -1.02 0.96 -8.10
CA GLY A 76 -1.03 0.37 -6.77
C GLY A 76 -0.66 1.26 -5.60
N TRP A 77 -0.07 2.43 -5.89
CA TRP A 77 0.50 3.29 -4.84
C TRP A 77 -0.42 3.55 -3.65
N ASN A 78 -1.69 3.89 -3.91
CA ASN A 78 -2.58 4.26 -2.79
C ASN A 78 -2.88 3.09 -1.87
N GLU A 79 -3.23 1.94 -2.43
CA GLU A 79 -3.44 0.74 -1.63
C GLU A 79 -2.17 0.32 -0.91
N LEU A 80 -1.04 0.42 -1.61
CA LEU A 80 0.25 0.08 -0.99
C LEU A 80 0.55 0.96 0.20
N LEU A 81 0.32 2.25 0.06
CA LEU A 81 0.58 3.19 1.15
C LEU A 81 -0.43 2.99 2.28
N ILE A 82 -1.69 2.75 1.93
CA ILE A 82 -2.74 2.52 2.91
C ILE A 82 -2.50 1.26 3.76
N ALA A 83 -2.09 0.16 3.11
CA ALA A 83 -1.74 -1.07 3.81
C ALA A 83 -0.62 -0.81 4.83
N SER A 84 0.41 -0.10 4.39
CA SER A 84 1.55 0.24 5.25
C SER A 84 1.20 1.08 6.48
N PHE A 85 0.46 2.17 6.30
CA PHE A 85 0.14 2.99 7.46
C PHE A 85 -0.89 2.31 8.37
N SER A 86 -1.74 1.46 7.78
CA SER A 86 -2.71 0.71 8.57
C SER A 86 -2.02 -0.28 9.49
N HIS A 87 -1.05 -1.02 8.96
CA HIS A 87 -0.31 -1.99 9.76
C HIS A 87 0.59 -1.28 10.79
N ARG A 88 1.17 -0.15 10.39
CA ARG A 88 1.97 0.67 11.30
C ARG A 88 1.16 1.13 12.52
N SER A 89 -0.16 1.24 12.35
CA SER A 89 -1.03 1.80 13.39
C SER A 89 -1.71 0.79 14.30
N ILE A 90 -1.39 -0.49 14.15
CA ILE A 90 -2.03 -1.55 14.95
C ILE A 90 -1.88 -1.41 16.47
N ALA A 91 -0.80 -0.80 16.93
CA ALA A 91 -0.55 -0.67 18.38
C ALA A 91 -1.15 0.60 18.97
N VAL A 92 -1.78 1.42 18.13
CA VAL A 92 -2.41 2.65 18.59
C VAL A 92 -3.93 2.53 18.56
N LYS A 93 -4.59 3.19 19.51
CA LYS A 93 -6.04 3.18 19.58
C LYS A 93 -6.60 4.44 18.93
N ASP A 94 -7.61 4.25 18.09
CA ASP A 94 -8.36 5.34 17.44
C ASP A 94 -7.48 6.37 16.76
N GLY A 95 -6.49 5.89 16.00
CA GLY A 95 -5.57 6.77 15.31
C GLY A 95 -4.71 6.08 14.28
N ILE A 96 -4.05 6.88 13.44
CA ILE A 96 -3.05 6.35 12.53
C ILE A 96 -1.70 7.00 12.75
N LEU A 97 -0.65 6.21 12.53
CA LEU A 97 0.71 6.67 12.62
C LEU A 97 1.24 6.95 11.22
N LEU A 98 1.52 8.21 10.94
CA LEU A 98 2.14 8.59 9.68
C LEU A 98 3.65 8.34 9.77
N ALA A 99 4.27 8.10 8.62
CA ALA A 99 5.73 7.85 8.55
C ALA A 99 6.55 9.10 8.89
N THR A 100 5.87 10.25 8.91
CA THR A 100 6.48 11.52 9.29
C THR A 100 6.64 11.62 10.81
N GLY A 101 6.17 10.61 11.52
CA GLY A 101 6.18 10.61 12.98
C GLY A 101 4.92 11.22 13.59
N LEU A 102 4.03 11.72 12.73
CA LEU A 102 2.82 12.37 13.20
C LEU A 102 1.67 11.38 13.37
N HIS A 103 0.89 11.59 14.41
CA HIS A 103 -0.27 10.77 14.72
C HIS A 103 -1.52 11.54 14.31
N VAL A 104 -2.45 10.85 13.65
CA VAL A 104 -3.74 11.45 13.35
C VAL A 104 -4.80 10.72 14.15
N HIS A 105 -5.39 11.42 15.10
CA HIS A 105 -6.43 10.82 15.93
C HIS A 105 -7.74 10.79 15.17
N ARG A 106 -8.57 9.80 15.47
CA ARG A 106 -9.92 9.71 14.92
C ARG A 106 -10.65 11.05 15.02
N ASN A 107 -10.61 11.66 16.20
CA ASN A 107 -11.25 12.96 16.45
C ASN A 107 -10.74 14.05 15.50
N SER A 108 -9.44 14.11 15.28
CA SER A 108 -8.84 15.09 14.37
C SER A 108 -9.30 14.88 12.94
N ALA A 109 -9.35 13.62 12.52
CA ALA A 109 -9.84 13.26 11.19
C ALA A 109 -11.30 13.69 11.02
N HIS A 110 -12.13 13.34 12.02
CA HIS A 110 -13.53 13.73 12.00
C HIS A 110 -13.69 15.24 11.93
N SER A 111 -12.92 15.95 12.76
CA SER A 111 -12.95 17.42 12.80
C SER A 111 -12.47 18.09 11.52
N ALA A 112 -11.82 17.32 10.64
CA ALA A 112 -11.34 17.84 9.37
C ALA A 112 -12.25 17.43 8.21
N GLY A 113 -13.36 16.77 8.52
CA GLY A 113 -14.34 16.38 7.50
C GLY A 113 -14.02 15.09 6.78
N VAL A 114 -13.04 14.34 7.29
CA VAL A 114 -12.65 13.07 6.67
C VAL A 114 -12.89 11.87 7.60
N GLY A 115 -13.88 12.00 8.49
CA GLY A 115 -14.16 10.98 9.50
C GLY A 115 -14.65 9.65 8.96
N ALA A 116 -15.53 9.69 7.97
CA ALA A 116 -16.11 8.46 7.41
C ALA A 116 -15.03 7.52 6.86
N ILE A 117 -14.16 8.05 6.00
CA ILE A 117 -13.10 7.22 5.41
C ILE A 117 -12.04 6.82 6.46
N PHE A 118 -11.77 7.71 7.41
CA PHE A 118 -10.85 7.41 8.50
C PHE A 118 -11.36 6.23 9.31
N ASP A 119 -12.66 6.24 9.64
CA ASP A 119 -13.28 5.15 10.39
C ASP A 119 -13.25 3.83 9.62
N ARG A 120 -13.38 3.88 8.30
CA ARG A 120 -13.26 2.68 7.47
C ARG A 120 -11.86 2.07 7.58
N VAL A 121 -10.84 2.91 7.50
CA VAL A 121 -9.46 2.49 7.67
C VAL A 121 -9.27 1.79 9.03
N LEU A 122 -9.75 2.43 10.09
CA LEU A 122 -9.64 1.88 11.44
C LEU A 122 -10.38 0.55 11.61
N THR A 123 -11.61 0.48 11.11
CA THR A 123 -12.45 -0.70 11.34
C THR A 123 -12.13 -1.86 10.39
N GLU A 124 -11.97 -1.55 9.11
CA GLU A 124 -11.76 -2.58 8.10
C GLU A 124 -10.32 -3.03 7.94
N LEU A 125 -9.37 -2.16 8.26
CA LEU A 125 -7.96 -2.49 8.08
C LEU A 125 -7.21 -2.61 9.41
N VAL A 126 -7.01 -1.48 10.10
CA VAL A 126 -6.20 -1.47 11.32
C VAL A 126 -6.68 -2.49 12.36
N SER A 127 -7.95 -2.40 12.74
CA SER A 127 -8.51 -3.27 13.78
C SER A 127 -8.46 -4.74 13.38
N LYS A 128 -8.65 -5.02 12.10
CA LYS A 128 -8.60 -6.38 11.57
C LYS A 128 -7.18 -6.93 11.52
N MET A 129 -6.22 -6.08 11.16
CA MET A 129 -4.79 -6.43 11.23
C MET A 129 -4.37 -6.69 12.67
N ARG A 130 -4.88 -5.86 13.58
CA ARG A 130 -4.64 -6.02 15.02
C ARG A 130 -5.26 -7.31 15.54
N ASP A 131 -6.52 -7.57 15.19
CA ASP A 131 -7.27 -8.75 15.67
C ASP A 131 -6.54 -10.06 15.36
N MET A 132 -6.01 -10.15 14.15
CA MET A 132 -5.38 -11.39 13.68
C MET A 132 -3.86 -11.38 13.87
N GLN A 133 -3.34 -10.27 14.40
CA GLN A 133 -1.89 -10.07 14.56
C GLN A 133 -1.14 -10.30 13.25
N MET A 134 -1.61 -9.66 12.18
CA MET A 134 -0.93 -9.72 10.89
C MET A 134 0.53 -9.34 11.12
N ASP A 135 1.45 -10.18 10.67
CA ASP A 135 2.87 -9.87 10.85
C ASP A 135 3.44 -9.17 9.62
N LYS A 136 4.68 -8.70 9.73
CA LYS A 136 5.30 -7.90 8.67
C LYS A 136 5.57 -8.66 7.38
N THR A 137 5.82 -9.96 7.48
CA THR A 137 6.00 -10.82 6.31
C THR A 137 4.68 -10.91 5.55
N GLU A 138 3.60 -11.12 6.29
CA GLU A 138 2.26 -11.21 5.71
C GLU A 138 1.85 -9.90 5.06
N LEU A 139 2.10 -8.80 5.75
CA LEU A 139 1.84 -7.47 5.20
C LEU A 139 2.63 -7.27 3.90
N GLY A 140 3.93 -7.55 3.96
CA GLY A 140 4.81 -7.43 2.81
C GLY A 140 4.31 -8.23 1.62
N CYS A 141 3.84 -9.44 1.87
CA CYS A 141 3.31 -10.31 0.82
C CYS A 141 2.01 -9.79 0.25
N LEU A 142 1.12 -9.31 1.12
CA LEU A 142 -0.13 -8.70 0.67
C LEU A 142 0.18 -7.51 -0.20
N ARG A 143 1.14 -6.69 0.23
CA ARG A 143 1.57 -5.53 -0.54
C ARG A 143 2.20 -5.94 -1.87
N ALA A 144 2.99 -7.00 -1.85
CA ALA A 144 3.58 -7.54 -3.09
C ALA A 144 2.50 -8.06 -4.05
N ILE A 145 1.44 -8.66 -3.51
CA ILE A 145 0.30 -9.08 -4.32
C ILE A 145 -0.38 -7.87 -4.98
N VAL A 146 -0.61 -6.83 -4.19
CA VAL A 146 -1.19 -5.57 -4.68
C VAL A 146 -0.31 -4.99 -5.78
N LEU A 147 1.00 -4.93 -5.51
CA LEU A 147 1.98 -4.46 -6.47
C LEU A 147 1.89 -5.19 -7.81
N PHE A 148 1.95 -6.52 -7.76
CA PHE A 148 1.83 -7.35 -8.96
C PHE A 148 0.36 -7.51 -9.34
N ASN A 149 -0.24 -6.41 -9.80
CA ASN A 149 -1.64 -6.39 -10.20
C ASN A 149 -1.75 -6.60 -11.70
N PRO A 150 -2.15 -7.81 -12.11
CA PRO A 150 -2.19 -8.16 -13.54
C PRO A 150 -3.36 -7.48 -14.28
N ASP A 151 -4.28 -6.89 -13.53
CA ASP A 151 -5.41 -6.17 -14.12
C ASP A 151 -5.06 -4.74 -14.50
N SER A 152 -3.87 -4.28 -14.09
CA SER A 152 -3.39 -2.94 -14.41
C SER A 152 -3.42 -2.75 -15.93
N LYS A 153 -4.08 -1.68 -16.37
CA LYS A 153 -4.25 -1.43 -17.80
C LYS A 153 -2.93 -0.98 -18.43
N GLY A 154 -2.65 -1.49 -19.62
CA GLY A 154 -1.48 -1.07 -20.38
C GLY A 154 -0.25 -1.95 -20.20
N LEU A 155 -0.32 -2.94 -19.32
CA LEU A 155 0.79 -3.86 -19.10
C LEU A 155 1.17 -4.55 -20.41
N SER A 156 2.46 -4.56 -20.72
CA SER A 156 2.96 -5.19 -21.93
C SER A 156 2.89 -6.71 -21.84
N ASN A 157 3.04 -7.24 -20.63
CA ASN A 157 2.89 -8.67 -20.39
C ASN A 157 2.15 -8.94 -19.08
N PRO A 158 0.80 -8.91 -19.11
CA PRO A 158 -0.01 -9.19 -17.92
C PRO A 158 0.25 -10.57 -17.34
N ALA A 159 0.47 -11.55 -18.21
CA ALA A 159 0.73 -12.94 -17.80
C ALA A 159 1.98 -13.05 -16.91
N GLU A 160 2.99 -12.25 -17.22
CA GLU A 160 4.22 -12.17 -16.42
C GLU A 160 3.93 -11.62 -15.01
N VAL A 161 3.06 -10.62 -14.95
CA VAL A 161 2.67 -10.02 -13.67
C VAL A 161 1.77 -10.97 -12.89
N GLU A 162 0.86 -11.63 -13.58
CA GLU A 162 0.03 -12.68 -13.00
C GLU A 162 0.90 -13.78 -12.38
N ALA A 163 1.95 -14.16 -13.12
CA ALA A 163 2.89 -15.19 -12.67
C ALA A 163 3.59 -14.81 -11.37
N LEU A 164 4.00 -13.54 -11.26
CA LEU A 164 4.68 -13.04 -10.08
C LEU A 164 3.76 -12.99 -8.87
N ARG A 165 2.52 -12.53 -9.11
CA ARG A 165 1.49 -12.53 -8.07
C ARG A 165 1.23 -13.94 -7.53
N GLU A 166 1.08 -14.90 -8.45
CA GLU A 166 0.92 -16.30 -8.11
C GLU A 166 2.07 -16.81 -7.23
N LYS A 167 3.29 -16.42 -7.56
CA LYS A 167 4.47 -16.78 -6.78
C LYS A 167 4.42 -16.20 -5.39
N VAL A 168 3.97 -14.95 -5.27
CA VAL A 168 3.84 -14.30 -3.96
C VAL A 168 2.81 -15.04 -3.09
N TYR A 169 1.62 -15.29 -3.63
CA TYR A 169 0.60 -15.93 -2.80
C TYR A 169 0.83 -17.41 -2.55
N ALA A 170 1.59 -18.05 -3.44
CA ALA A 170 2.09 -19.41 -3.16
C ALA A 170 3.02 -19.36 -1.95
N SER A 171 3.95 -18.41 -1.96
CA SER A 171 4.91 -18.25 -0.86
C SER A 171 4.26 -17.79 0.45
N LEU A 172 3.29 -16.87 0.34
CA LEU A 172 2.56 -16.39 1.52
C LEU A 172 1.82 -17.54 2.21
N GLU A 173 1.12 -18.34 1.44
CA GLU A 173 0.38 -19.47 1.99
C GLU A 173 1.30 -20.46 2.71
N ALA A 174 2.42 -20.79 2.08
CA ALA A 174 3.43 -21.68 2.68
C ALA A 174 3.92 -21.12 4.01
N TYR A 175 4.20 -19.82 4.04
CA TYR A 175 4.58 -19.12 5.26
C TYR A 175 3.49 -19.25 6.34
N CYS A 176 2.24 -19.00 5.95
CA CYS A 176 1.10 -19.09 6.87
C CYS A 176 0.87 -20.49 7.43
N LYS A 177 1.05 -21.50 6.58
CA LYS A 177 0.87 -22.90 7.00
C LYS A 177 1.96 -23.34 7.96
N HIS A 178 3.17 -22.85 7.73
CA HIS A 178 4.32 -23.19 8.56
C HIS A 178 4.32 -22.41 9.88
N LYS A 179 4.14 -21.10 9.81
CA LYS A 179 4.18 -20.23 11.00
C LYS A 179 2.91 -20.32 11.84
N TYR A 180 1.77 -20.48 11.19
CA TYR A 180 0.48 -20.55 11.89
C TYR A 180 -0.33 -21.78 11.49
N PRO A 181 0.20 -22.99 11.76
CA PRO A 181 -0.53 -24.22 11.38
C PRO A 181 -1.84 -24.39 12.14
N GLU A 182 -2.00 -23.69 13.25
CA GLU A 182 -3.22 -23.75 14.05
C GLU A 182 -4.36 -22.91 13.46
N GLN A 183 -4.03 -22.10 12.45
CA GLN A 183 -5.02 -21.22 11.81
C GLN A 183 -5.13 -21.55 10.33
N PRO A 184 -5.86 -22.62 9.98
CA PRO A 184 -5.96 -23.03 8.57
C PRO A 184 -6.58 -21.95 7.65
N GLY A 185 -7.41 -21.08 8.20
CA GLY A 185 -8.08 -20.04 7.43
C GLY A 185 -7.36 -18.71 7.36
N ARG A 186 -6.14 -18.67 7.88
CA ARG A 186 -5.38 -17.43 7.98
C ARG A 186 -5.02 -16.83 6.61
N PHE A 187 -4.56 -17.68 5.70
CA PHE A 187 -4.17 -17.28 4.35
C PHE A 187 -5.32 -16.58 3.64
N ALA A 188 -6.49 -17.22 3.67
CA ALA A 188 -7.69 -16.67 3.06
C ALA A 188 -8.13 -15.39 3.77
N LYS A 189 -7.99 -15.38 5.10
CA LYS A 189 -8.32 -14.21 5.91
C LYS A 189 -7.46 -13.01 5.50
N LEU A 190 -6.18 -13.23 5.25
CA LEU A 190 -5.28 -12.19 4.74
C LEU A 190 -5.72 -11.66 3.38
N LEU A 191 -6.02 -12.58 2.45
CA LEU A 191 -6.43 -12.19 1.10
C LEU A 191 -7.75 -11.45 1.09
N LEU A 192 -8.61 -11.78 2.06
CA LEU A 192 -9.95 -11.20 2.09
C LEU A 192 -10.02 -9.83 2.76
N ARG A 193 -8.86 -9.28 3.10
CA ARG A 193 -8.75 -7.85 3.43
C ARG A 193 -8.51 -7.02 2.16
N LEU A 194 -8.16 -7.68 1.07
CA LEU A 194 -7.85 -6.97 -0.17
C LEU A 194 -9.03 -6.24 -0.84
N PRO A 195 -10.26 -6.81 -0.82
CA PRO A 195 -11.39 -6.02 -1.29
C PRO A 195 -11.64 -4.76 -0.46
N ALA A 196 -11.48 -4.85 0.86
CA ALA A 196 -11.59 -3.68 1.73
C ALA A 196 -10.53 -2.63 1.37
N LEU A 197 -9.30 -3.10 1.16
CA LEU A 197 -8.19 -2.23 0.79
C LEU A 197 -8.44 -1.52 -0.55
N ARG A 198 -9.02 -2.26 -1.48
CA ARG A 198 -9.37 -1.73 -2.79
C ARG A 198 -10.42 -0.64 -2.70
N SER A 199 -11.51 -0.90 -1.97
CA SER A 199 -12.57 0.11 -1.84
C SER A 199 -12.10 1.35 -1.08
N ILE A 200 -11.41 1.14 0.03
CA ILE A 200 -10.81 2.24 0.81
C ILE A 200 -9.82 3.05 -0.04
N GLY A 201 -9.00 2.35 -0.81
CA GLY A 201 -8.05 3.00 -1.73
C GLY A 201 -8.76 3.90 -2.72
N LEU A 202 -9.86 3.40 -3.28
CA LEU A 202 -10.64 4.16 -4.25
C LEU A 202 -11.26 5.40 -3.62
N LYS A 203 -11.80 5.26 -2.41
CA LYS A 203 -12.37 6.39 -1.69
C LYS A 203 -11.31 7.43 -1.29
N CYS A 204 -10.16 6.96 -0.82
CA CYS A 204 -9.04 7.85 -0.52
C CYS A 204 -8.61 8.66 -1.73
N LEU A 205 -8.57 8.00 -2.90
CA LEU A 205 -8.23 8.67 -4.15
C LEU A 205 -9.26 9.75 -4.50
N GLU A 206 -10.53 9.43 -4.33
CA GLU A 206 -11.62 10.38 -4.56
C GLU A 206 -11.43 11.64 -3.71
N HIS A 207 -11.10 11.47 -2.43
CA HIS A 207 -10.82 12.59 -1.55
C HIS A 207 -9.62 13.40 -2.05
N LEU A 208 -8.57 12.71 -2.46
CA LEU A 208 -7.36 13.36 -2.97
C LEU A 208 -7.67 14.23 -4.19
N PHE A 209 -8.44 13.70 -5.13
CA PHE A 209 -8.84 14.46 -6.30
C PHE A 209 -9.67 15.69 -5.94
N PHE A 210 -10.52 15.55 -4.91
CA PHE A 210 -11.27 16.68 -4.39
C PHE A 210 -10.37 17.75 -3.74
N PHE A 211 -9.42 17.32 -2.91
CA PHE A 211 -8.47 18.26 -2.29
C PHE A 211 -7.70 19.04 -3.36
N LYS A 212 -7.33 18.34 -4.43
CA LYS A 212 -6.67 18.94 -5.58
C LYS A 212 -7.58 19.95 -6.27
N LEU A 213 -8.83 19.55 -6.51
CA LEU A 213 -9.83 20.38 -7.18
C LEU A 213 -10.12 21.66 -6.39
N ILE A 214 -10.32 21.51 -5.09
CA ILE A 214 -10.63 22.62 -4.19
C ILE A 214 -9.45 23.59 -4.07
N GLY A 215 -8.25 23.03 -3.98
CA GLY A 215 -7.03 23.82 -4.09
C GLY A 215 -6.48 24.41 -2.80
N ASP A 216 -7.16 24.18 -1.68
CA ASP A 216 -6.69 24.71 -0.39
C ASP A 216 -6.02 23.63 0.48
N THR A 217 -5.48 22.60 -0.17
CA THR A 217 -4.62 21.60 0.46
C THR A 217 -3.33 21.49 -0.37
N PRO A 218 -2.18 21.76 0.26
CA PRO A 218 -0.92 21.62 -0.47
C PRO A 218 -0.70 20.16 -0.90
N ILE A 219 -0.43 19.96 -2.18
CA ILE A 219 -0.10 18.63 -2.69
C ILE A 219 1.28 18.70 -3.35
N ASP A 220 2.22 17.92 -2.80
CA ASP A 220 3.60 17.91 -3.27
C ASP A 220 3.75 17.22 -4.63
N THR A 221 4.94 17.31 -5.21
CA THR A 221 5.15 16.99 -6.63
C THR A 221 4.91 15.52 -7.03
N PHE A 222 5.32 14.59 -6.18
CA PHE A 222 5.20 13.17 -6.51
C PHE A 222 3.74 12.75 -6.35
N LEU A 223 3.13 13.18 -5.25
CA LEU A 223 1.71 12.94 -5.04
C LEU A 223 0.90 13.54 -6.20
N MET A 224 1.24 14.76 -6.59
CA MET A 224 0.60 15.43 -7.72
C MET A 224 0.76 14.63 -9.00
N GLU A 225 1.96 14.11 -9.23
CA GLU A 225 2.22 13.29 -10.41
C GLU A 225 1.33 12.05 -10.46
N MET A 226 1.09 11.45 -9.30
CA MET A 226 0.22 10.29 -9.21
C MET A 226 -1.23 10.61 -9.56
N LEU A 227 -1.61 11.87 -9.35
CA LEU A 227 -2.96 12.33 -9.70
C LEU A 227 -3.09 12.75 -11.17
N GLU A 228 -1.97 12.69 -11.91
CA GLU A 228 -1.95 12.91 -13.36
C GLU A 228 -2.69 11.81 -14.08
N ALA A 229 -3.18 12.12 -15.29
CA ALA A 229 -3.75 11.11 -16.18
C ALA A 229 -2.64 10.26 -16.82
N PRO A 230 -2.97 9.04 -17.26
CA PRO A 230 -1.99 8.25 -18.02
C PRO A 230 -1.82 8.75 -19.46
N HIS B 1 5.25 10.99 -16.74
CA HIS B 1 5.40 10.74 -15.28
C HIS B 1 6.88 10.82 -14.90
N LYS B 2 7.45 12.02 -14.97
CA LYS B 2 8.92 12.14 -14.90
C LYS B 2 9.58 11.69 -13.59
N ILE B 3 8.98 12.04 -12.44
CA ILE B 3 9.57 11.67 -11.15
C ILE B 3 9.66 10.15 -11.01
N LEU B 4 8.57 9.45 -11.28
CA LEU B 4 8.53 8.00 -11.16
C LEU B 4 9.57 7.31 -12.04
N HIS B 5 9.62 7.69 -13.32
CA HIS B 5 10.60 7.14 -14.26
C HIS B 5 12.03 7.33 -13.77
N ARG B 6 12.34 8.55 -13.33
CA ARG B 6 13.69 8.89 -12.84
C ARG B 6 14.09 8.05 -11.64
N LEU B 7 13.15 7.88 -10.70
CA LEU B 7 13.41 7.10 -9.49
C LEU B 7 13.56 5.61 -9.77
N LEU B 8 12.84 5.12 -10.76
CA LEU B 8 12.91 3.72 -11.16
C LEU B 8 14.17 3.42 -11.98
N GLN B 9 14.60 4.40 -12.78
CA GLN B 9 15.84 4.32 -13.55
C GLN B 9 16.97 3.89 -12.62
N ASP B 10 17.10 4.60 -11.50
CA ASP B 10 17.97 4.25 -10.38
C ASP B 10 17.97 5.38 -9.37
CAA LX8 C . -8.02 10.66 5.97
CAB LX8 C . 3.03 8.58 6.20
CAC LX8 C . -8.10 12.42 3.80
CAD LX8 C . -9.43 10.63 2.64
CAE LX8 C . 0.05 7.42 5.69
CAF LX8 C . 0.33 6.07 3.57
OAG LX8 C . 2.70 6.27 5.67
OAH LX8 C . -7.37 11.20 0.71
CAI LX8 C . -8.41 10.21 4.71
CAJ LX8 C . -3.95 8.88 4.06
CAK LX8 C . -3.20 9.24 1.37
CAL LX8 C . -6.03 9.80 3.64
CAM LX8 C . -1.59 7.93 4.36
OAN LX8 C . 1.87 7.78 4.17
OAO LX8 C . -1.00 8.22 2.19
OAP LX8 C . -5.39 10.18 0.95
CAQ LX8 C . 2.52 7.44 5.33
CAR LX8 C . -2.71 8.52 3.61
CAS LX8 C . -2.29 8.68 2.29
CAT LX8 C . -6.92 10.45 2.84
CAU LX8 C . -6.59 10.64 1.48
CAV LX8 C . -4.84 9.40 3.14
CAW LX8 C . -4.48 9.62 1.82
CAX LX8 C . -0.44 8.43 3.53
CAY LX8 C . -8.22 10.91 3.52
CAZ LX8 C . 0.49 7.43 4.23
#